data_5GND
#
_entry.id   5GND
#
_cell.length_a   135.219
_cell.length_b   135.219
_cell.length_c   113.754
_cell.angle_alpha   90.000
_cell.angle_beta   90.000
_cell.angle_gamma   120.000
#
_symmetry.space_group_name_H-M   'H 3 2'
#
loop_
_entity.id
_entity.type
_entity.pdbx_description
1 polymer 'Putative serine protease HhoA'
2 polymer UNK-UNK-UNK-UNK-TRP
3 non-polymer 'ZINC ION'
4 non-polymer 'SODIUM ION'
5 water water
#
loop_
_entity_poly.entity_id
_entity_poly.type
_entity_poly.pdbx_seq_one_letter_code
_entity_poly.pdbx_strand_id
1 'polypeptide(L)'
;MSFVAAAVSRSGPAVVRIDTETVVTRRTDPILDDPFFQEFFGRSFPVPPRERRIAGQGSGFIIDNSGIILTNAHVVDGAS
KVVVTLRDGRTFDGQVRGTDEVTDLAVVKIEPQGSALPVAPLGTSSNLQVGDWAIAVGNPVGLDNTVTLGIISTLGRSAA
QAGIPDKRVEFIQTDAAINPGNSGGPLLNARGEVIGINTAIRADATGIGFAIPIDQAKAIQNTLAAGGTVPHPYIGVQMM
NITVDQAQQNNRNPNSPFIIPEVDGILVMRVLPGTPAERAGIRRGDVIVAVDGTPISDGARLQRIVEQAGLNKALKLDLL
RGDRRLSLTVQTAQLRNPTSLEHHHHHH
;
A
2 'polypeptide(L)' (UNK)(UNK)(UNK)(UNK)W U
#
# COMPACT_ATOMS: atom_id res chain seq x y z
N SER A 2 -25.58 13.26 -16.81
CA SER A 2 -24.26 12.65 -16.90
C SER A 2 -24.26 11.34 -16.13
N PHE A 3 -23.57 10.33 -16.67
CA PHE A 3 -23.52 9.02 -16.02
C PHE A 3 -22.85 9.09 -14.66
N VAL A 4 -22.00 10.10 -14.46
CA VAL A 4 -21.30 10.19 -13.19
C VAL A 4 -22.25 10.62 -12.08
N ALA A 5 -23.27 11.39 -12.44
CA ALA A 5 -24.29 11.84 -11.49
C ALA A 5 -25.01 10.66 -10.82
N ALA A 6 -25.27 9.62 -11.60
CA ALA A 6 -25.86 8.41 -11.07
C ALA A 6 -24.92 7.76 -10.06
N ALA A 7 -23.69 7.47 -10.51
CA ALA A 7 -22.65 6.90 -9.67
C ALA A 7 -22.50 7.64 -8.36
N VAL A 8 -22.39 8.96 -8.43
CA VAL A 8 -22.28 9.79 -7.23
C VAL A 8 -23.53 9.70 -6.37
N SER A 9 -24.71 9.62 -6.99
CA SER A 9 -25.94 9.50 -6.23
C SER A 9 -26.00 8.14 -5.54
N ARG A 10 -25.27 7.18 -6.07
CA ARG A 10 -25.25 5.85 -5.48
C ARG A 10 -24.33 5.70 -4.27
N SER A 11 -23.09 6.18 -4.37
CA SER A 11 -22.12 6.00 -3.28
C SER A 11 -21.82 7.28 -2.51
N GLY A 12 -22.08 8.42 -3.14
CA GLY A 12 -21.84 9.72 -2.54
C GLY A 12 -22.41 9.97 -1.16
N PRO A 13 -23.66 9.50 -0.89
CA PRO A 13 -24.17 9.76 0.46
C PRO A 13 -23.43 9.01 1.56
N ALA A 14 -22.68 7.97 1.21
CA ALA A 14 -21.95 7.19 2.19
C ALA A 14 -20.52 7.71 2.40
N VAL A 15 -20.15 8.79 1.71
CA VAL A 15 -18.82 9.38 1.83
C VAL A 15 -18.79 10.43 2.93
N VAL A 16 -17.97 10.23 3.96
CA VAL A 16 -17.96 11.10 5.14
C VAL A 16 -16.69 11.92 5.33
N ARG A 17 -16.79 12.94 6.17
CA ARG A 17 -15.64 13.70 6.60
C ARG A 17 -15.09 13.08 7.87
N ILE A 18 -13.78 13.04 8.00
CA ILE A 18 -13.13 12.50 9.20
C ILE A 18 -12.21 13.55 9.81
N ASP A 19 -12.25 13.67 11.13
CA ASP A 19 -11.45 14.68 11.82
C ASP A 19 -11.20 14.30 13.28
N GLN A 57 -7.24 15.73 8.97
CA GLN A 57 -8.30 15.91 7.99
C GLN A 57 -8.29 14.79 6.95
N GLY A 58 -9.40 14.60 6.26
CA GLY A 58 -9.52 13.54 5.28
C GLY A 58 -10.94 13.08 5.02
N SER A 59 -11.09 12.05 4.20
CA SER A 59 -12.39 11.51 3.90
C SER A 59 -12.46 10.04 4.24
N GLY A 60 -13.66 9.49 4.15
CA GLY A 60 -13.86 8.07 4.36
C GLY A 60 -15.18 7.67 3.75
N PHE A 61 -15.43 6.37 3.71
CA PHE A 61 -16.73 5.90 3.27
C PHE A 61 -17.22 4.76 4.15
N ILE A 62 -18.55 4.72 4.34
CA ILE A 62 -19.19 3.73 5.18
C ILE A 62 -19.39 2.42 4.43
N ILE A 63 -18.88 1.34 5.00
CA ILE A 63 -18.83 0.04 4.32
C ILE A 63 -20.08 -0.82 4.56
N ASP A 64 -20.70 -0.66 5.73
CA ASP A 64 -22.00 -1.29 5.99
C ASP A 64 -22.79 -0.59 7.08
N ASN A 65 -24.05 -1.00 7.25
CA ASN A 65 -24.97 -0.34 8.17
C ASN A 65 -24.56 -0.41 9.64
N SER A 66 -23.56 -1.23 9.93
CA SER A 66 -23.02 -1.36 11.28
C SER A 66 -22.26 -0.11 11.68
N GLY A 67 -21.69 0.58 10.70
CA GLY A 67 -20.89 1.75 10.96
C GLY A 67 -19.40 1.52 10.76
N ILE A 68 -19.07 0.55 9.92
CA ILE A 68 -17.69 0.26 9.54
C ILE A 68 -17.25 1.20 8.41
N ILE A 69 -16.26 2.02 8.72
CA ILE A 69 -15.79 3.06 7.81
C ILE A 69 -14.35 2.84 7.35
N LEU A 70 -14.12 2.90 6.05
CA LEU A 70 -12.76 2.84 5.48
C LEU A 70 -12.19 4.23 5.26
N THR A 71 -10.87 4.35 5.40
CA THR A 71 -10.16 5.58 5.11
C THR A 71 -8.65 5.30 4.97
N ASN A 72 -7.84 6.35 4.90
CA ASN A 72 -6.39 6.22 4.89
C ASN A 72 -5.84 6.22 6.30
N ALA A 73 -4.79 5.45 6.52
CA ALA A 73 -4.10 5.47 7.80
C ALA A 73 -3.53 6.86 8.09
N HIS A 74 -3.17 7.59 7.04
CA HIS A 74 -2.57 8.90 7.22
C HIS A 74 -3.62 9.99 7.46
N VAL A 75 -4.89 9.61 7.37
CA VAL A 75 -5.96 10.51 7.78
C VAL A 75 -6.09 10.39 9.29
N VAL A 76 -5.78 9.13 9.77
CA VAL A 76 -5.86 8.89 11.22
C VAL A 76 -4.47 8.96 11.86
N ASP A 77 -4.21 10.36 12.11
CA ASP A 77 -2.90 10.58 12.73
C ASP A 77 -2.75 9.82 14.04
N GLY A 78 -3.03 8.52 14.00
CA GLY A 78 -2.93 7.69 15.19
C GLY A 78 -4.15 7.76 16.07
N ALA A 79 -4.90 8.85 15.94
CA ALA A 79 -6.11 9.05 16.73
C ALA A 79 -6.81 8.33 17.87
N SER A 80 -7.52 7.25 17.55
CA SER A 80 -8.23 6.48 18.55
C SER A 80 -9.74 6.69 18.54
N VAL A 82 -11.72 10.00 16.90
CA VAL A 82 -11.92 10.84 15.69
C VAL A 82 -13.36 11.33 15.84
N VAL A 83 -13.52 12.07 14.63
CA VAL A 83 -14.91 12.53 14.48
C VAL A 83 -15.43 12.50 13.02
N VAL A 84 -16.61 11.91 12.84
CA VAL A 84 -17.17 11.63 11.52
C VAL A 84 -18.41 12.46 11.21
N THR A 85 -18.42 13.09 10.04
CA THR A 85 -19.56 13.88 9.59
C THR A 85 -20.13 13.32 8.29
N LEU A 86 -21.42 12.99 8.27
CA LEU A 86 -22.01 12.41 7.08
C LEU A 86 -22.37 13.52 6.12
N ARG A 87 -22.74 13.16 4.89
CA ARG A 87 -23.13 14.16 3.90
C ARG A 87 -24.37 14.94 4.33
N ASP A 88 -25.22 14.31 5.14
CA ASP A 88 -26.46 14.93 5.58
C ASP A 88 -26.29 15.84 6.82
N GLY A 89 -25.07 15.91 7.33
CA GLY A 89 -24.80 16.78 8.47
C GLY A 89 -24.69 16.06 9.80
N ARG A 90 -25.14 14.81 9.83
CA ARG A 90 -25.06 14.02 11.06
C ARG A 90 -23.61 13.80 11.49
N THR A 91 -23.34 14.12 12.76
CA THR A 91 -22.00 13.95 13.31
C THR A 91 -21.98 12.82 14.34
N PHE A 92 -21.46 11.67 13.95
CA PHE A 92 -21.25 10.57 14.88
C PHE A 92 -19.89 10.74 15.52
N ASP A 93 -19.56 9.87 16.46
CA ASP A 93 -18.24 9.91 17.07
C ASP A 93 -17.55 8.59 16.82
N GLY A 94 -16.58 8.61 15.92
CA GLY A 94 -15.90 7.39 15.52
C GLY A 94 -14.66 7.11 16.32
N GLN A 95 -14.31 5.83 16.39
CA GLN A 95 -13.04 5.42 16.97
C GLN A 95 -12.31 4.48 16.01
N VAL A 96 -10.99 4.59 15.98
CA VAL A 96 -10.16 3.84 15.04
C VAL A 96 -9.79 2.47 15.57
N ARG A 97 -10.46 1.45 15.06
CA ARG A 97 -10.28 0.10 15.55
C ARG A 97 -9.16 -0.68 14.86
N GLY A 98 -8.47 -0.03 13.93
CA GLY A 98 -7.37 -0.65 13.21
C GLY A 98 -6.62 0.31 12.31
N THR A 99 -5.36 -0.01 12.04
CA THR A 99 -4.51 0.82 11.18
C THR A 99 -3.39 -0.01 10.57
N ASP A 100 -3.25 0.08 9.24
CA ASP A 100 -2.06 -0.46 8.57
C ASP A 100 -1.31 0.68 7.92
N GLU A 101 -0.19 1.07 8.53
CA GLU A 101 0.55 2.23 8.07
C GLU A 101 1.17 1.97 6.70
N VAL A 102 1.53 0.72 6.43
CA VAL A 102 2.28 0.37 5.22
C VAL A 102 1.39 0.21 3.99
N THR A 103 0.12 -0.12 4.22
CA THR A 103 -0.87 -0.18 3.14
C THR A 103 -1.59 1.17 3.09
N ASP A 104 -1.41 1.94 4.15
CA ASP A 104 -2.08 3.23 4.33
C ASP A 104 -3.60 3.16 4.26
N LEU A 105 -4.20 2.28 5.05
CA LEU A 105 -5.64 2.32 5.21
C LEU A 105 -6.06 1.98 6.63
N ALA A 106 -7.18 2.54 7.06
CA ALA A 106 -7.64 2.40 8.43
C ALA A 106 -9.10 1.99 8.46
N VAL A 107 -9.53 1.38 9.56
CA VAL A 107 -10.94 1.15 9.78
C VAL A 107 -11.43 1.93 10.99
N VAL A 108 -12.45 2.77 10.76
CA VAL A 108 -13.09 3.53 11.83
C VAL A 108 -14.44 2.85 12.12
N LYS A 109 -14.94 3.04 13.35
CA LYS A 109 -16.25 2.52 13.71
C LYS A 109 -17.13 3.61 14.33
N ILE A 110 -18.34 3.73 13.80
CA ILE A 110 -19.37 4.58 14.40
C ILE A 110 -20.61 3.76 14.80
N GLU A 111 -21.40 4.33 15.70
CA GLU A 111 -22.57 3.65 16.24
C GLU A 111 -23.86 4.09 15.56
N PRO A 112 -24.51 3.17 14.83
CA PRO A 112 -25.72 3.51 14.07
C PRO A 112 -26.88 3.89 14.96
N GLN A 113 -27.47 5.05 14.70
CA GLN A 113 -28.62 5.51 15.44
C GLN A 113 -29.45 6.39 14.54
N GLY A 114 -30.76 6.42 14.78
CA GLY A 114 -31.65 7.20 13.94
C GLY A 114 -31.67 6.61 12.56
N SER A 115 -31.61 7.47 11.54
CA SER A 115 -31.64 7.03 10.15
C SER A 115 -30.55 6.02 9.81
N ALA A 116 -30.85 5.15 8.85
CA ALA A 116 -29.90 4.16 8.36
C ALA A 116 -28.66 4.84 7.80
N LEU A 117 -27.49 4.39 8.26
CA LEU A 117 -26.23 4.80 7.68
C LEU A 117 -26.19 4.42 6.21
N PRO A 118 -26.02 5.42 5.32
CA PRO A 118 -25.91 5.11 3.89
C PRO A 118 -24.66 4.28 3.67
N VAL A 119 -24.69 3.45 2.63
CA VAL A 119 -23.65 2.44 2.44
C VAL A 119 -23.17 2.44 1.00
N ALA A 120 -21.86 2.42 0.82
CA ALA A 120 -21.27 2.38 -0.51
C ALA A 120 -21.08 0.93 -0.97
N PRO A 121 -21.64 0.57 -2.13
CA PRO A 121 -21.44 -0.77 -2.70
C PRO A 121 -19.99 -1.05 -3.08
N LEU A 122 -19.45 -2.18 -2.64
CA LEU A 122 -18.09 -2.54 -2.99
C LEU A 122 -18.03 -3.32 -4.28
N GLY A 123 -17.22 -2.86 -5.23
CA GLY A 123 -17.00 -3.59 -6.45
C GLY A 123 -15.77 -4.48 -6.29
N THR A 124 -15.13 -4.80 -7.40
CA THR A 124 -13.89 -5.56 -7.33
C THR A 124 -12.84 -4.97 -8.27
N SER A 125 -11.60 -4.91 -7.79
CA SER A 125 -10.52 -4.32 -8.56
C SER A 125 -9.80 -5.32 -9.48
N SER A 126 -10.09 -6.61 -9.30
CA SER A 126 -9.44 -7.64 -10.11
C SER A 126 -9.71 -7.46 -11.61
N ASN A 127 -10.93 -7.11 -11.95
CA ASN A 127 -11.30 -6.99 -13.36
C ASN A 127 -11.23 -5.56 -13.91
N LEU A 128 -10.40 -4.72 -13.30
CA LEU A 128 -10.24 -3.34 -13.78
C LEU A 128 -9.50 -3.34 -15.09
N GLN A 129 -9.97 -2.53 -16.02
CA GLN A 129 -9.32 -2.37 -17.30
C GLN A 129 -8.72 -0.97 -17.39
N VAL A 130 -7.50 -0.87 -17.90
CA VAL A 130 -6.91 0.42 -18.13
C VAL A 130 -7.79 1.20 -19.10
N GLY A 131 -8.18 2.41 -18.72
CA GLY A 131 -9.04 3.23 -19.56
C GLY A 131 -10.47 3.30 -19.09
N ASP A 132 -10.80 2.55 -18.04
CA ASP A 132 -12.12 2.61 -17.46
C ASP A 132 -12.31 3.94 -16.77
N TRP A 133 -13.54 4.45 -16.76
CA TRP A 133 -13.87 5.68 -16.03
C TRP A 133 -13.63 5.51 -14.54
N ALA A 134 -13.12 6.57 -13.91
CA ALA A 134 -12.86 6.56 -12.48
C ALA A 134 -13.34 7.86 -11.88
N ILE A 135 -14.11 7.76 -10.80
CA ILE A 135 -14.71 8.93 -10.18
C ILE A 135 -14.26 9.04 -8.74
N ALA A 136 -13.59 10.12 -8.40
CA ALA A 136 -13.05 10.26 -7.05
C ALA A 136 -13.97 11.15 -6.24
N VAL A 137 -14.51 10.59 -5.16
CA VAL A 137 -15.46 11.33 -4.35
C VAL A 137 -14.87 11.62 -2.98
N GLY A 138 -15.04 12.84 -2.52
CA GLY A 138 -14.63 13.22 -1.18
C GLY A 138 -15.75 13.94 -0.46
N ASN A 139 -15.58 14.17 0.83
CA ASN A 139 -16.49 15.01 1.61
C ASN A 139 -15.65 15.93 2.48
N PRO A 140 -15.12 17.00 1.87
CA PRO A 140 -14.11 17.82 2.55
C PRO A 140 -14.68 18.70 3.66
N VAL A 141 -15.94 19.08 3.55
CA VAL A 141 -16.54 19.93 4.59
C VAL A 141 -17.52 19.19 5.48
N GLY A 142 -18.29 18.27 4.91
CA GLY A 142 -19.21 17.47 5.69
C GLY A 142 -20.66 17.81 5.41
N LEU A 143 -20.95 18.12 4.15
CA LEU A 143 -22.28 18.55 3.75
C LEU A 143 -22.49 18.43 2.25
N ASP A 144 -21.47 17.95 1.55
CA ASP A 144 -21.56 17.75 0.10
C ASP A 144 -20.52 16.75 -0.41
N ASN A 145 -20.52 16.48 -1.71
CA ASN A 145 -19.45 15.70 -2.29
C ASN A 145 -18.67 16.57 -3.28
N THR A 146 -17.35 16.60 -3.14
CA THR A 146 -16.52 17.08 -4.24
C THR A 146 -16.24 15.88 -5.11
N VAL A 147 -16.47 16.02 -6.40
CA VAL A 147 -16.36 14.90 -7.31
C VAL A 147 -15.43 15.25 -8.46
N THR A 148 -14.49 14.36 -8.75
CA THR A 148 -13.63 14.56 -9.91
C THR A 148 -13.63 13.33 -10.80
N LEU A 149 -13.41 13.54 -12.09
CA LEU A 149 -13.55 12.48 -13.07
C LEU A 149 -12.29 12.24 -13.91
N GLY A 150 -11.99 10.98 -14.15
CA GLY A 150 -10.88 10.60 -15.01
C GLY A 150 -10.95 9.13 -15.41
N ILE A 151 -9.81 8.56 -15.77
CA ILE A 151 -9.73 7.15 -16.11
C ILE A 151 -8.73 6.41 -15.26
N ILE A 152 -8.75 5.08 -15.34
CA ILE A 152 -7.70 4.26 -14.78
C ILE A 152 -6.47 4.44 -15.67
N SER A 153 -5.46 5.11 -15.15
CA SER A 153 -4.28 5.43 -15.96
C SER A 153 -3.34 4.24 -16.10
N THR A 154 -3.11 3.54 -14.99
CA THR A 154 -2.33 2.32 -15.04
C THR A 154 -2.67 1.41 -13.87
N LEU A 155 -2.40 0.12 -14.06
CA LEU A 155 -2.67 -0.88 -13.05
C LEU A 155 -1.38 -1.58 -12.65
N GLY A 156 -1.02 -1.48 -11.38
CA GLY A 156 0.18 -2.11 -10.86
C GLY A 156 0.04 -3.61 -10.73
N VAL A 169 -4.35 -4.15 -9.16
CA VAL A 169 -3.93 -5.20 -8.23
C VAL A 169 -2.93 -4.70 -7.17
N GLU A 170 -1.88 -4.03 -7.60
CA GLU A 170 -0.88 -3.49 -6.66
C GLU A 170 -1.18 -2.06 -6.24
N PHE A 171 -1.50 -1.23 -7.23
CA PHE A 171 -1.79 0.18 -7.00
CA PHE A 171 -1.80 0.18 -6.99
C PHE A 171 -2.54 0.70 -8.21
N ILE A 172 -3.46 1.63 -8.00
CA ILE A 172 -4.20 2.20 -9.11
C ILE A 172 -3.75 3.63 -9.32
N GLN A 173 -3.40 3.98 -10.56
CA GLN A 173 -3.19 5.37 -10.89
C GLN A 173 -4.37 5.89 -11.71
N THR A 174 -4.70 7.15 -11.52
CA THR A 174 -5.76 7.74 -12.30
C THR A 174 -5.52 9.22 -12.55
N ASP A 175 -6.03 9.74 -13.68
CA ASP A 175 -5.88 11.17 -13.94
C ASP A 175 -7.06 11.96 -13.40
N ALA A 176 -7.83 11.33 -12.53
CA ALA A 176 -8.84 12.03 -11.76
C ALA A 176 -8.12 12.85 -10.69
N ALA A 177 -8.50 14.10 -10.54
CA ALA A 177 -7.87 14.98 -9.54
C ALA A 177 -8.01 14.36 -8.16
N ILE A 178 -6.90 13.95 -7.59
CA ILE A 178 -6.86 13.40 -6.24
C ILE A 178 -6.07 14.33 -5.32
N ASN A 179 -6.73 14.80 -4.27
CA ASN A 179 -6.19 15.85 -3.41
C ASN A 179 -6.60 15.62 -1.95
N PRO A 180 -6.03 16.39 -1.01
CA PRO A 180 -6.38 16.19 0.41
C PRO A 180 -7.88 16.23 0.70
N GLY A 181 -8.66 16.88 -0.17
CA GLY A 181 -10.10 16.95 0.01
C GLY A 181 -10.83 15.65 -0.21
N ASN A 182 -10.27 14.75 -1.02
CA ASN A 182 -10.90 13.46 -1.28
C ASN A 182 -10.10 12.23 -0.84
N SER A 183 -9.07 12.46 -0.04
CA SER A 183 -8.19 11.37 0.39
C SER A 183 -8.85 10.52 1.47
N GLY A 184 -8.78 9.21 1.31
CA GLY A 184 -9.52 8.30 2.16
C GLY A 184 -10.88 8.00 1.55
N GLY A 185 -11.36 8.92 0.71
CA GLY A 185 -12.61 8.76 -0.01
C GLY A 185 -12.53 7.64 -1.02
N PRO A 186 -13.66 7.30 -1.64
CA PRO A 186 -13.65 6.17 -2.56
C PRO A 186 -13.40 6.59 -3.99
N LEU A 187 -12.88 5.67 -4.79
CA LEU A 187 -12.76 5.82 -6.23
C LEU A 187 -13.79 4.88 -6.84
N LEU A 188 -14.68 5.40 -7.68
CA LEU A 188 -15.75 4.59 -8.22
C LEU A 188 -15.54 4.27 -9.69
N ASN A 189 -16.14 3.17 -10.14
CA ASN A 189 -16.30 2.94 -11.57
C ASN A 189 -17.55 3.65 -12.06
N ALA A 190 -17.82 3.53 -13.35
CA ALA A 190 -18.92 4.24 -13.99
C ALA A 190 -20.30 3.88 -13.43
N ARG A 191 -20.40 2.74 -12.76
CA ARG A 191 -21.67 2.29 -12.19
C ARG A 191 -21.85 2.75 -10.75
N GLY A 192 -20.77 3.19 -10.13
CA GLY A 192 -20.87 3.79 -8.81
C GLY A 192 -20.51 2.84 -7.71
N GLU A 193 -19.83 1.75 -8.05
CA GLU A 193 -19.34 0.86 -7.01
C GLU A 193 -17.86 1.15 -6.78
N VAL A 194 -17.44 1.14 -5.52
CA VAL A 194 -16.07 1.48 -5.21
C VAL A 194 -15.08 0.40 -5.62
N ILE A 195 -14.06 0.84 -6.36
CA ILE A 195 -13.00 -0.04 -6.82
C ILE A 195 -11.65 0.37 -6.22
N GLY A 196 -11.67 1.37 -5.35
CA GLY A 196 -10.43 1.84 -4.74
C GLY A 196 -10.60 2.88 -3.66
N ILE A 197 -9.52 3.17 -2.94
CA ILE A 197 -9.51 4.22 -1.92
C ILE A 197 -8.51 5.30 -2.31
N ASN A 198 -9.00 6.50 -2.62
CA ASN A 198 -8.12 7.61 -2.98
C ASN A 198 -7.00 7.80 -1.97
N THR A 199 -5.79 8.05 -2.44
CA THR A 199 -4.68 8.39 -1.54
C THR A 199 -3.84 9.54 -2.08
N ALA A 200 -4.03 10.73 -1.50
CA ALA A 200 -3.23 11.89 -1.85
C ALA A 200 -1.80 11.72 -1.32
N ILE A 201 -0.84 12.38 -1.97
CA ILE A 201 0.56 12.28 -1.56
C ILE A 201 1.08 13.60 -0.98
N GLY A 207 0.01 15.00 -13.90
CA GLY A 207 -1.00 15.10 -12.87
C GLY A 207 -1.76 13.80 -12.69
N ILE A 208 -1.19 12.89 -11.90
CA ILE A 208 -1.78 11.57 -11.73
C ILE A 208 -1.83 11.11 -10.27
N GLY A 209 -3.02 10.72 -9.82
CA GLY A 209 -3.21 10.30 -8.44
C GLY A 209 -3.13 8.80 -8.24
N PHE A 210 -3.09 8.39 -6.97
CA PHE A 210 -3.06 6.98 -6.65
C PHE A 210 -4.28 6.54 -5.84
N ALA A 211 -4.62 5.26 -5.93
CA ALA A 211 -5.67 4.70 -5.11
C ALA A 211 -5.34 3.26 -4.72
N ILE A 212 -5.63 2.92 -3.47
CA ILE A 212 -5.49 1.57 -2.97
C ILE A 212 -6.60 0.72 -3.58
N PRO A 213 -6.26 -0.41 -4.20
CA PRO A 213 -7.28 -1.28 -4.79
C PRO A 213 -8.25 -1.77 -3.72
N ILE A 214 -9.53 -1.93 -4.06
CA ILE A 214 -10.53 -2.26 -3.05
C ILE A 214 -10.37 -3.69 -2.53
N ASP A 215 -10.08 -4.64 -3.43
CA ASP A 215 -9.92 -6.04 -3.05
C ASP A 215 -8.81 -6.20 -2.02
N GLN A 216 -7.88 -5.26 -2.01
CA GLN A 216 -6.79 -5.24 -1.07
C GLN A 216 -7.32 -4.88 0.31
N ALA A 217 -8.25 -3.94 0.36
CA ALA A 217 -8.80 -3.49 1.63
C ALA A 217 -9.82 -4.49 2.18
N LYS A 218 -10.42 -5.26 1.28
CA LYS A 218 -11.34 -6.32 1.67
C LYS A 218 -10.61 -7.38 2.47
N ALA A 219 -9.38 -7.67 2.06
CA ALA A 219 -8.58 -8.73 2.66
C ALA A 219 -8.27 -8.47 4.13
N ILE A 220 -7.93 -7.23 4.45
CA ILE A 220 -7.52 -6.89 5.81
C ILE A 220 -8.62 -6.16 6.58
N GLN A 221 -9.85 -6.25 6.08
CA GLN A 221 -10.98 -5.56 6.70
C GLN A 221 -11.25 -6.08 8.12
N ASN A 222 -11.47 -7.38 8.26
CA ASN A 222 -11.76 -7.96 9.56
C ASN A 222 -10.62 -7.73 10.54
N THR A 223 -9.39 -7.95 10.08
CA THR A 223 -8.22 -7.80 10.91
C THR A 223 -8.13 -6.40 11.52
N LEU A 224 -8.39 -5.39 10.71
CA LEU A 224 -8.37 -4.02 11.19
C LEU A 224 -9.64 -3.66 11.97
N ALA A 225 -10.70 -4.45 11.76
CA ALA A 225 -11.92 -4.27 12.54
C ALA A 225 -11.65 -4.79 13.94
N ALA A 226 -10.97 -5.93 14.03
CA ALA A 226 -10.61 -6.55 15.30
C ALA A 226 -9.28 -6.02 15.83
N GLY A 227 -8.31 -6.92 15.95
CA GLY A 227 -6.97 -6.55 16.43
C GLY A 227 -6.09 -6.12 15.27
N GLY A 228 -5.67 -4.86 15.29
CA GLY A 228 -5.11 -4.23 14.11
C GLY A 228 -3.61 -4.36 13.83
N THR A 229 -3.14 -5.58 13.60
CA THR A 229 -1.78 -5.80 13.09
C THR A 229 -1.71 -6.80 11.94
N VAL A 230 -1.42 -6.30 10.75
CA VAL A 230 -1.35 -7.12 9.54
C VAL A 230 0.07 -7.62 9.29
N PRO A 231 0.23 -8.93 9.02
CA PRO A 231 1.53 -9.53 8.75
C PRO A 231 2.27 -8.88 7.59
N HIS A 232 3.29 -8.09 7.88
CA HIS A 232 4.15 -7.52 6.84
C HIS A 232 5.60 -7.95 7.02
N PRO A 233 5.91 -9.20 6.66
CA PRO A 233 7.25 -9.77 6.84
C PRO A 233 8.28 -8.98 6.05
N TYR A 234 9.48 -8.84 6.61
CA TYR A 234 10.55 -8.12 5.93
C TYR A 234 11.90 -8.42 6.55
N ILE A 235 12.97 -7.96 5.90
CA ILE A 235 14.33 -8.22 6.37
C ILE A 235 15.14 -6.94 6.50
N GLY A 236 14.76 -5.90 5.77
CA GLY A 236 15.33 -4.57 5.97
C GLY A 236 16.46 -4.15 5.03
N VAL A 237 16.46 -4.70 3.82
CA VAL A 237 17.52 -4.41 2.85
C VAL A 237 17.01 -3.64 1.64
N GLN A 238 17.67 -2.53 1.30
CA GLN A 238 17.39 -1.83 0.07
C GLN A 238 18.22 -2.42 -1.06
N MET A 239 17.56 -3.15 -1.96
CA MET A 239 18.26 -3.81 -3.04
C MET A 239 18.08 -3.10 -4.37
N MET A 240 18.94 -3.44 -5.33
CA MET A 240 18.90 -2.86 -6.65
C MET A 240 19.25 -3.95 -7.63
N ASN A 241 18.54 -3.99 -8.75
CA ASN A 241 18.81 -4.96 -9.79
C ASN A 241 20.12 -4.64 -10.49
N ILE A 242 21.09 -5.54 -10.40
CA ILE A 242 22.37 -5.31 -11.07
C ILE A 242 22.53 -6.24 -12.28
N THR A 243 23.14 -5.71 -13.34
CA THR A 243 23.44 -6.45 -14.55
C THR A 243 24.96 -6.58 -14.72
N VAL A 244 25.43 -7.73 -15.21
CA VAL A 244 26.84 -7.92 -15.58
C VAL A 244 27.37 -6.70 -16.34
N ASP A 245 26.60 -6.27 -17.34
CA ASP A 245 26.96 -5.14 -18.17
C ASP A 245 26.76 -3.82 -17.43
N GLN A 246 26.24 -3.90 -16.21
CA GLN A 246 26.28 -2.77 -15.28
C GLN A 246 27.34 -3.03 -14.23
N ALA A 247 27.57 -4.31 -13.93
CA ALA A 247 28.53 -4.74 -12.90
C ALA A 247 29.99 -4.49 -13.30
N GLN A 248 30.47 -5.24 -14.29
CA GLN A 248 31.83 -5.06 -14.79
C GLN A 248 31.97 -3.69 -15.45
N GLN A 249 30.83 -3.07 -15.75
CA GLN A 249 30.81 -1.68 -16.18
C GLN A 249 31.07 -0.76 -14.99
N ASN A 250 30.47 -1.11 -13.85
CA ASN A 250 30.72 -0.39 -12.61
C ASN A 250 32.18 -0.56 -12.24
N ASN A 251 32.63 -1.82 -12.30
CA ASN A 251 34.02 -2.18 -12.01
C ASN A 251 35.11 -1.50 -12.85
N ARG A 252 34.73 -0.80 -13.92
CA ARG A 252 35.71 -0.11 -14.74
C ARG A 252 35.72 1.40 -14.48
N ASN A 253 34.74 1.86 -13.71
CA ASN A 253 34.78 3.22 -13.17
C ASN A 253 35.67 3.21 -11.93
N PRO A 254 36.81 3.92 -11.99
CA PRO A 254 37.77 3.94 -10.88
C PRO A 254 37.20 4.53 -9.59
N ASN A 255 36.14 5.33 -9.67
CA ASN A 255 35.59 5.97 -8.48
C ASN A 255 34.28 5.37 -8.00
N SER A 256 33.97 4.15 -8.42
CA SER A 256 32.79 3.49 -7.90
C SER A 256 33.10 2.98 -6.49
N PRO A 257 32.13 3.04 -5.57
CA PRO A 257 32.27 2.66 -4.16
C PRO A 257 32.96 1.31 -3.97
N PHE A 258 32.35 0.26 -4.49
CA PHE A 258 32.89 -1.07 -4.35
C PHE A 258 32.86 -1.77 -5.69
N ILE A 259 33.76 -2.74 -5.88
CA ILE A 259 33.70 -3.58 -7.08
C ILE A 259 32.65 -4.67 -6.91
N ILE A 260 31.73 -4.73 -7.86
CA ILE A 260 30.70 -5.75 -7.85
C ILE A 260 31.30 -7.00 -8.46
N PRO A 261 31.08 -8.17 -7.83
CA PRO A 261 31.65 -9.43 -8.31
C PRO A 261 31.09 -9.87 -9.66
N GLU A 262 31.04 -8.95 -10.64
CA GLU A 262 30.45 -9.22 -11.95
C GLU A 262 29.00 -9.65 -11.74
N VAL A 263 28.60 -10.75 -12.39
CA VAL A 263 27.25 -11.35 -12.27
C VAL A 263 26.05 -10.41 -12.49
N ASP A 264 24.86 -11.00 -12.47
CA ASP A 264 23.63 -10.25 -12.40
C ASP A 264 23.04 -10.51 -11.05
N GLY A 265 22.32 -9.53 -10.51
CA GLY A 265 21.60 -9.78 -9.29
C GLY A 265 21.02 -8.60 -8.56
N ILE A 266 20.82 -8.82 -7.26
CA ILE A 266 20.33 -7.81 -6.33
C ILE A 266 21.52 -7.30 -5.52
N LEU A 267 21.98 -6.11 -5.87
CA LEU A 267 23.05 -5.50 -5.12
C LEU A 267 22.45 -4.85 -3.88
N VAL A 268 22.85 -5.32 -2.70
CA VAL A 268 22.42 -4.70 -1.45
C VAL A 268 22.93 -3.26 -1.40
N MET A 269 22.03 -2.31 -1.57
CA MET A 269 22.42 -0.90 -1.64
C MET A 269 22.51 -0.27 -0.26
N ARG A 270 21.70 -0.77 0.66
CA ARG A 270 21.68 -0.21 2.00
C ARG A 270 21.11 -1.19 3.00
N VAL A 271 21.75 -1.30 4.16
CA VAL A 271 21.19 -2.06 5.27
C VAL A 271 20.59 -1.06 6.26
N LEU A 272 19.29 -1.20 6.49
CA LEU A 272 18.59 -0.25 7.36
C LEU A 272 18.82 -0.62 8.82
N PRO A 273 18.93 0.40 9.68
CA PRO A 273 19.18 0.24 11.13
C PRO A 273 18.15 -0.65 11.84
N GLY A 274 18.63 -1.53 12.71
CA GLY A 274 17.76 -2.33 13.54
C GLY A 274 16.87 -3.31 12.79
N THR A 275 17.37 -3.85 11.70
CA THR A 275 16.59 -4.78 10.90
C THR A 275 17.21 -6.16 10.98
N PRO A 276 16.42 -7.20 10.71
CA PRO A 276 16.93 -8.57 10.60
C PRO A 276 18.18 -8.69 9.73
N ALA A 277 18.21 -7.94 8.63
CA ALA A 277 19.35 -7.95 7.71
C ALA A 277 20.62 -7.49 8.41
N GLU A 278 20.50 -6.42 9.20
CA GLU A 278 21.62 -5.93 9.97
C GLU A 278 22.08 -6.99 10.97
N ARG A 279 21.12 -7.61 11.65
CA ARG A 279 21.42 -8.57 12.70
C ARG A 279 22.02 -9.86 12.15
N ALA A 280 21.79 -10.12 10.87
CA ALA A 280 22.34 -11.31 10.23
C ALA A 280 23.74 -11.05 9.67
N GLY A 281 24.22 -9.81 9.80
CA GLY A 281 25.55 -9.46 9.35
C GLY A 281 25.61 -8.95 7.93
N ILE A 282 24.45 -8.78 7.30
CA ILE A 282 24.43 -8.29 5.92
C ILE A 282 25.00 -6.88 5.82
N ARG A 283 25.85 -6.66 4.83
CA ARG A 283 26.51 -5.38 4.63
C ARG A 283 26.12 -4.77 3.28
N ARG A 284 26.18 -3.44 3.21
CA ARG A 284 26.07 -2.74 1.95
C ARG A 284 27.10 -3.29 0.99
N GLY A 285 26.71 -3.48 -0.26
CA GLY A 285 27.63 -3.96 -1.27
C GLY A 285 27.63 -5.46 -1.42
N ASP A 286 26.99 -6.16 -0.49
CA ASP A 286 26.82 -7.60 -0.64
C ASP A 286 25.94 -7.88 -1.85
N VAL A 287 26.15 -9.03 -2.47
CA VAL A 287 25.35 -9.45 -3.61
C VAL A 287 24.68 -10.78 -3.30
N ILE A 288 23.37 -10.76 -3.05
CA ILE A 288 22.63 -11.98 -2.76
C ILE A 288 22.38 -12.74 -4.06
N VAL A 289 22.80 -13.99 -4.13
CA VAL A 289 22.69 -14.74 -5.38
C VAL A 289 21.58 -15.80 -5.37
N ALA A 290 21.57 -16.65 -4.34
CA ALA A 290 20.55 -17.68 -4.18
C ALA A 290 19.99 -17.70 -2.75
N VAL A 291 18.68 -17.50 -2.61
CA VAL A 291 18.02 -17.58 -1.31
C VAL A 291 18.34 -18.91 -0.63
N ASP A 292 17.64 -19.98 -0.97
N ASP A 292 17.66 -19.98 -1.05
CA ASP A 292 18.06 -21.29 -0.49
CA ASP A 292 17.88 -21.33 -0.55
C ASP A 292 18.73 -22.06 -1.64
C ASP A 292 18.54 -22.17 -1.64
N GLY A 293 18.37 -21.71 -2.88
CA GLY A 293 18.91 -22.38 -4.05
C GLY A 293 18.10 -21.90 -5.24
N THR A 294 17.46 -20.75 -5.08
CA THR A 294 16.71 -20.11 -6.15
C THR A 294 17.43 -18.86 -6.64
N PRO A 295 18.05 -18.95 -7.83
CA PRO A 295 18.72 -17.79 -8.44
C PRO A 295 17.80 -16.57 -8.56
N ILE A 296 18.25 -15.41 -8.07
CA ILE A 296 17.45 -14.18 -8.14
C ILE A 296 18.29 -13.02 -8.66
N SER A 297 17.63 -12.09 -9.35
CA SER A 297 18.27 -10.87 -9.82
C SER A 297 17.24 -9.74 -9.86
N ASP A 298 16.06 -10.00 -9.33
CA ASP A 298 14.97 -9.03 -9.32
C ASP A 298 14.63 -8.60 -7.89
N GLY A 299 14.65 -7.29 -7.66
CA GLY A 299 14.27 -6.72 -6.38
C GLY A 299 12.79 -6.90 -6.10
N ALA A 300 11.96 -6.79 -7.13
CA ALA A 300 10.53 -7.02 -6.98
C ALA A 300 10.25 -8.47 -6.55
N ARG A 301 10.95 -9.41 -7.16
CA ARG A 301 10.77 -10.83 -6.87
C ARG A 301 11.16 -11.20 -5.43
N LEU A 302 12.26 -10.65 -4.92
CA LEU A 302 12.67 -10.99 -3.56
C LEU A 302 11.69 -10.41 -2.55
N GLN A 303 11.12 -9.25 -2.88
CA GLN A 303 10.08 -8.62 -2.06
C GLN A 303 8.85 -9.51 -1.90
N ARG A 304 8.88 -10.68 -2.53
CA ARG A 304 7.75 -11.60 -2.49
C ARG A 304 8.01 -12.82 -1.61
N ILE A 305 9.03 -13.60 -1.94
CA ILE A 305 9.32 -14.85 -1.23
C ILE A 305 9.43 -14.65 0.29
N VAL A 306 9.78 -13.43 0.69
CA VAL A 306 9.87 -13.10 2.10
C VAL A 306 8.46 -13.06 2.67
N GLU A 307 7.53 -12.54 1.88
CA GLU A 307 6.13 -12.48 2.27
C GLU A 307 5.49 -13.87 2.32
N GLN A 308 5.83 -14.72 1.37
CA GLN A 308 5.29 -16.08 1.34
C GLN A 308 5.85 -16.89 2.49
N ALA A 309 6.97 -16.43 3.03
CA ALA A 309 7.48 -16.95 4.28
C ALA A 309 6.76 -16.23 5.41
N GLY A 310 6.57 -16.90 6.55
CA GLY A 310 5.82 -16.30 7.63
C GLY A 310 6.52 -15.12 8.28
N LEU A 311 6.02 -14.70 9.43
CA LEU A 311 6.79 -13.83 10.30
C LEU A 311 7.68 -14.77 11.10
N ASN A 312 8.81 -14.25 11.57
CA ASN A 312 9.79 -15.07 12.28
C ASN A 312 10.16 -16.35 11.51
N LYS A 313 10.28 -16.23 10.19
CA LYS A 313 10.66 -17.36 9.36
C LYS A 313 12.11 -17.23 8.89
N ALA A 314 12.97 -18.08 9.44
CA ALA A 314 14.40 -18.06 9.10
C ALA A 314 14.64 -18.41 7.65
N LEU A 315 15.29 -17.50 6.94
CA LEU A 315 15.63 -17.69 5.54
C LEU A 315 17.14 -17.60 5.35
N LYS A 316 17.76 -18.66 4.83
CA LYS A 316 19.18 -18.62 4.50
C LYS A 316 19.40 -17.74 3.27
N LEU A 317 20.60 -17.16 3.18
CA LEU A 317 20.92 -16.29 2.06
C LEU A 317 22.31 -16.58 1.51
N ASP A 318 22.39 -17.02 0.26
CA ASP A 318 23.68 -17.18 -0.40
C ASP A 318 24.06 -15.87 -1.06
N LEU A 319 25.15 -15.27 -0.60
CA LEU A 319 25.63 -14.02 -1.16
C LEU A 319 27.16 -14.02 -1.21
N LEU A 320 27.74 -13.20 -2.07
CA LEU A 320 29.19 -13.06 -2.06
C LEU A 320 29.65 -11.64 -1.78
N ARG A 321 30.56 -11.53 -0.81
CA ARG A 321 31.09 -10.23 -0.39
C ARG A 321 32.42 -9.95 -1.09
N GLY A 322 32.34 -9.43 -2.31
CA GLY A 322 33.51 -9.22 -3.14
C GLY A 322 33.99 -10.54 -3.74
N ASP A 323 34.85 -11.23 -2.99
CA ASP A 323 35.39 -12.51 -3.43
C ASP A 323 34.84 -13.65 -2.59
N ARG A 324 34.59 -13.35 -1.31
CA ARG A 324 34.22 -14.38 -0.34
C ARG A 324 32.81 -14.93 -0.57
N ARG A 325 32.60 -16.18 -0.16
CA ARG A 325 31.30 -16.84 -0.28
C ARG A 325 30.59 -16.79 1.06
N LEU A 326 29.41 -16.17 1.06
CA LEU A 326 28.70 -15.89 2.31
C LEU A 326 27.29 -16.48 2.36
N SER A 327 27.02 -17.28 3.39
CA SER A 327 25.68 -17.77 3.65
C SER A 327 25.21 -17.40 5.07
N LEU A 328 24.12 -16.64 5.13
CA LEU A 328 23.58 -16.15 6.40
C LEU A 328 22.07 -16.40 6.42
N THR A 329 21.53 -16.63 7.60
CA THR A 329 20.08 -16.80 7.72
C THR A 329 19.47 -15.60 8.44
N VAL A 330 18.58 -14.88 7.76
CA VAL A 330 17.88 -13.78 8.40
C VAL A 330 16.50 -14.25 8.88
N GLN A 331 16.03 -13.67 9.98
CA GLN A 331 14.71 -13.99 10.48
C GLN A 331 13.77 -12.83 10.21
N THR A 332 12.75 -13.10 9.41
CA THR A 332 11.81 -12.07 8.99
C THR A 332 11.06 -11.45 10.17
N ALA A 333 11.19 -10.14 10.32
CA ALA A 333 10.45 -9.40 11.33
C ALA A 333 9.27 -8.66 10.70
N GLN A 334 8.49 -7.98 11.54
CA GLN A 334 7.33 -7.22 11.08
C GLN A 334 7.72 -5.80 10.74
N LEU A 335 7.41 -5.36 9.52
CA LEU A 335 7.62 -3.99 9.12
C LEU A 335 6.77 -3.08 10.02
N ARG A 336 7.39 -2.03 10.56
CA ARG A 336 6.70 -1.13 11.48
C ARG A 336 7.28 0.28 11.43
N UNK B 1 16.08 -1.63 -9.83
CA UNK B 1 15.78 -2.27 -8.56
C UNK B 1 14.94 -1.42 -7.63
N UNK B 2 14.30 -2.08 -6.67
CA UNK B 2 13.37 -1.41 -5.78
C UNK B 2 13.86 -1.17 -4.37
N UNK B 3 13.95 -2.24 -3.59
CA UNK B 3 14.31 -2.14 -2.18
C UNK B 3 13.07 -2.11 -1.30
N UNK B 4 12.90 -1.01 -0.56
CA UNK B 4 11.74 -0.82 0.28
C UNK B 4 12.04 -1.12 1.74
N TRP B 5 11.26 -2.04 2.32
CA TRP B 5 11.50 -2.57 3.67
C TRP B 5 11.58 -1.46 4.72
#